data_3M9H
#
_entry.id   3M9H
#
_cell.length_a   80.752
_cell.length_b   114.164
_cell.length_c   114.490
_cell.angle_alpha   90.000
_cell.angle_beta   90.000
_cell.angle_gamma   90.000
#
_symmetry.space_group_name_H-M   'F 2 2 2'
#
loop_
_entity.id
_entity.type
_entity.pdbx_description
1 polymer 'Proteasome-associated ATPase'
2 water water
#
_entity_poly.entity_id   1
_entity_poly.type   'polypeptide(L)'
_entity_poly.pdbx_seq_one_letter_code
;GSHMSHAPTRSARDIHQLEARIDSLAARNSKLMETLKEARQQLLALREEVDRLGQ
;
_entity_poly.pdbx_strand_id   A,B,C,D,E,F
#
# COMPACT_ATOMS: atom_id res chain seq x y z
N SER A 11 -11.92 -11.62 33.08
CA SER A 11 -12.57 -11.75 31.75
C SER A 11 -12.98 -10.39 31.19
N ALA A 12 -13.35 -9.47 32.08
CA ALA A 12 -13.52 -8.07 31.69
C ALA A 12 -12.22 -7.63 31.00
N ARG A 13 -11.09 -8.17 31.51
CA ARG A 13 -9.80 -7.90 30.90
C ARG A 13 -9.39 -8.86 29.77
N ASP A 14 -10.20 -9.88 29.51
CA ASP A 14 -10.09 -10.58 28.22
C ASP A 14 -10.48 -9.58 27.13
N ILE A 15 -11.60 -8.91 27.36
CA ILE A 15 -12.19 -8.00 26.38
C ILE A 15 -11.38 -6.72 26.18
N HIS A 16 -10.86 -6.13 27.26
CA HIS A 16 -10.01 -4.95 27.12
C HIS A 16 -8.73 -5.29 26.37
N GLN A 17 -8.20 -6.51 26.51
CA GLN A 17 -7.05 -6.93 25.70
C GLN A 17 -7.42 -6.98 24.25
N LEU A 18 -8.58 -7.59 23.95
CA LEU A 18 -9.06 -7.67 22.54
C LEU A 18 -9.31 -6.28 21.96
N GLU A 19 -9.95 -5.40 22.74
CA GLU A 19 -10.22 -4.01 22.32
C GLU A 19 -8.92 -3.29 22.04
N ALA A 20 -7.92 -3.41 22.93
CA ALA A 20 -6.61 -2.79 22.68
C ALA A 20 -6.03 -3.22 21.35
N ARG A 21 -6.15 -4.50 21.04
CA ARG A 21 -5.60 -4.99 19.80
C ARG A 21 -6.37 -4.48 18.59
N ILE A 22 -7.69 -4.43 18.71
CA ILE A 22 -8.49 -3.95 17.55
C ILE A 22 -8.19 -2.47 17.30
N ASP A 23 -8.10 -1.70 18.40
CA ASP A 23 -7.78 -0.25 18.29
C ASP A 23 -6.46 -0.03 17.58
N SER A 24 -5.46 -0.83 17.91
CA SER A 24 -4.17 -0.76 17.22
C SER A 24 -4.28 -1.05 15.74
N LEU A 25 -5.02 -2.08 15.37
CA LEU A 25 -5.24 -2.39 13.96
C LEU A 25 -5.97 -1.22 13.28
N ALA A 26 -6.96 -0.64 13.97
CA ALA A 26 -7.67 0.49 13.34
C ALA A 26 -6.75 1.68 13.15
N ALA A 27 -5.81 1.92 14.07
CA ALA A 27 -4.87 3.03 13.91
C ALA A 27 -3.93 2.79 12.71
N ARG A 28 -3.52 1.52 12.53
CA ARG A 28 -2.68 1.17 11.36
C ARG A 28 -3.49 1.30 10.10
N ASN A 29 -4.75 0.83 10.12
CA ASN A 29 -5.61 1.15 9.00
C ASN A 29 -5.66 2.64 8.60
N SER A 30 -5.81 3.58 9.55
CA SER A 30 -5.85 5.01 9.24
C SER A 30 -4.48 5.46 8.70
N LYS A 31 -3.41 4.97 9.29
CA LYS A 31 -2.06 5.30 8.81
C LYS A 31 -1.88 4.88 7.32
N LEU A 32 -2.35 3.68 6.98
CA LEU A 32 -2.32 3.19 5.57
C LEU A 32 -3.13 4.08 4.65
N MET A 33 -4.38 4.42 5.07
CA MET A 33 -5.22 5.26 4.19
C MET A 33 -4.59 6.64 3.99
N GLU A 34 -4.03 7.25 5.05
CA GLU A 34 -3.46 8.61 4.88
C GLU A 34 -2.28 8.53 3.89
N THR A 35 -1.45 7.52 4.06
CA THR A 35 -0.25 7.36 3.23
C THR A 35 -0.68 7.11 1.79
N LEU A 36 -1.72 6.29 1.59
CA LEU A 36 -2.24 6.05 0.24
C LEU A 36 -2.82 7.29 -0.42
N LYS A 37 -3.52 8.12 0.35
CA LYS A 37 -4.04 9.40 -0.17
C LYS A 37 -2.91 10.34 -0.64
N GLU A 38 -1.81 10.37 0.08
CA GLU A 38 -0.64 11.11 -0.39
C GLU A 38 -0.02 10.55 -1.67
N ALA A 39 0.07 9.21 -1.78
CA ALA A 39 0.57 8.56 -2.98
C ALA A 39 -0.32 8.89 -4.20
N ARG A 40 -1.63 8.88 -4.03
CA ARG A 40 -2.54 9.25 -5.10
C ARG A 40 -2.28 10.69 -5.63
N GLN A 41 -2.13 11.65 -4.70
CA GLN A 41 -1.85 13.02 -5.08
C GLN A 41 -0.52 13.13 -5.87
N GLN A 42 0.50 12.41 -5.40
CA GLN A 42 1.79 12.44 -6.08
C GLN A 42 1.81 11.77 -7.43
N LEU A 43 1.07 10.65 -7.55
CA LEU A 43 0.87 10.00 -8.86
C LEU A 43 0.16 10.90 -9.85
N LEU A 44 -0.85 11.62 -9.36
CA LEU A 44 -1.53 12.61 -10.21
C LEU A 44 -0.61 13.72 -10.69
N ALA A 45 0.25 14.23 -9.82
CA ALA A 45 1.20 15.26 -10.21
C ALA A 45 2.23 14.67 -11.18
N LEU A 46 2.66 13.43 -10.97
CA LEU A 46 3.58 12.81 -11.88
C LEU A 46 2.93 12.69 -13.26
N ARG A 47 1.68 12.32 -13.33
CA ARG A 47 1.03 12.21 -14.63
C ARG A 47 0.98 13.59 -15.35
N GLU A 48 0.80 14.67 -14.59
CA GLU A 48 0.81 16.02 -15.19
C GLU A 48 2.20 16.46 -15.62
N GLU A 49 3.21 16.11 -14.84
CA GLU A 49 4.57 16.43 -15.18
C GLU A 49 5.02 15.70 -16.43
N VAL A 50 4.67 14.43 -16.57
CA VAL A 50 4.98 13.67 -17.78
C VAL A 50 4.32 14.34 -19.01
N ASP A 51 3.07 14.79 -18.89
CA ASP A 51 2.38 15.51 -20.01
C ASP A 51 3.03 16.85 -20.39
N ARG A 52 3.44 17.63 -19.39
CA ARG A 52 4.26 18.83 -19.62
C ARG A 52 5.41 18.50 -20.53
N LEU A 53 5.74 17.21 -20.61
CA LEU A 53 6.61 16.69 -21.65
C LEU A 53 5.81 15.92 -22.71
N SER B 11 -21.82 -19.62 22.68
CA SER B 11 -20.51 -18.94 22.80
C SER B 11 -19.47 -19.54 21.85
N ALA B 12 -19.61 -20.83 21.53
CA ALA B 12 -18.89 -21.40 20.39
C ALA B 12 -19.30 -20.55 19.19
N ARG B 13 -20.60 -20.28 19.12
CA ARG B 13 -21.22 -19.31 18.21
C ARG B 13 -20.43 -18.00 18.12
N ASP B 14 -20.14 -17.39 19.28
CA ASP B 14 -19.50 -16.08 19.37
C ASP B 14 -18.09 -16.11 18.79
N ILE B 15 -17.32 -17.12 19.22
CA ILE B 15 -15.93 -17.29 18.84
C ILE B 15 -15.79 -17.59 17.35
N HIS B 16 -16.54 -18.55 16.84
CA HIS B 16 -16.60 -18.82 15.41
C HIS B 16 -16.99 -17.58 14.57
N GLN B 17 -17.89 -16.73 15.07
CA GLN B 17 -18.15 -15.43 14.41
C GLN B 17 -17.01 -14.45 14.48
N LEU B 18 -16.38 -14.32 15.65
CA LEU B 18 -15.15 -13.50 15.75
C LEU B 18 -14.05 -14.02 14.81
N GLU B 19 -13.83 -15.33 14.80
CA GLU B 19 -12.83 -15.96 13.92
C GLU B 19 -13.13 -15.73 12.44
N ALA B 20 -14.40 -15.87 12.04
CA ALA B 20 -14.77 -15.57 10.64
C ALA B 20 -14.37 -14.15 10.25
N ARG B 21 -14.64 -13.18 11.11
CA ARG B 21 -14.27 -11.82 10.85
C ARG B 21 -12.77 -11.56 10.81
N ILE B 22 -12.03 -12.15 11.74
CA ILE B 22 -10.56 -11.95 11.72
C ILE B 22 -10.01 -12.55 10.41
N ASP B 23 -10.50 -13.73 10.03
CA ASP B 23 -10.04 -14.42 8.78
C ASP B 23 -10.27 -13.57 7.57
N SER B 24 -11.42 -12.92 7.49
CA SER B 24 -11.72 -11.97 6.42
C SER B 24 -10.73 -10.81 6.37
N LEU B 25 -10.39 -10.28 7.55
CA LEU B 25 -9.45 -9.19 7.64
C LEU B 25 -8.09 -9.66 7.20
N ALA B 26 -7.72 -10.91 7.55
CA ALA B 26 -6.40 -11.44 7.17
C ALA B 26 -6.34 -11.60 5.65
N ALA B 27 -7.44 -12.03 5.04
CA ALA B 27 -7.50 -12.18 3.55
C ALA B 27 -7.35 -10.82 2.84
N ARG B 28 -7.97 -9.78 3.41
CA ARG B 28 -7.82 -8.41 2.84
C ARG B 28 -6.40 -7.91 3.05
N ASN B 29 -5.84 -8.19 4.23
CA ASN B 29 -4.41 -7.88 4.42
C ASN B 29 -3.53 -8.52 3.33
N SER B 30 -3.71 -9.81 3.01
CA SER B 30 -2.95 -10.46 1.93
C SER B 30 -3.19 -9.81 0.57
N LYS B 31 -4.44 -9.55 0.28
CA LYS B 31 -4.78 -8.82 -0.96
C LYS B 31 -4.05 -7.47 -1.07
N LEU B 32 -4.04 -6.68 0.01
CA LEU B 32 -3.29 -5.41 0.02
C LEU B 32 -1.83 -5.64 -0.22
N MET B 33 -1.23 -6.61 0.51
CA MET B 33 0.22 -6.87 0.27
C MET B 33 0.56 -7.30 -1.18
N GLU B 34 -0.22 -8.23 -1.76
CA GLU B 34 0.10 -8.66 -3.15
C GLU B 34 -0.02 -7.43 -4.11
N THR B 35 -1.07 -6.64 -3.92
CA THR B 35 -1.28 -5.44 -4.76
C THR B 35 -0.12 -4.46 -4.57
N LEU B 36 0.34 -4.25 -3.32
CA LEU B 36 1.47 -3.37 -3.10
C LEU B 36 2.78 -3.87 -3.68
N LYS B 37 3.01 -5.19 -3.61
CA LYS B 37 4.15 -5.81 -4.30
C LYS B 37 4.14 -5.57 -5.82
N GLU B 38 3.00 -5.66 -6.46
CA GLU B 38 2.91 -5.34 -7.89
C GLU B 38 3.19 -3.85 -8.15
N ALA B 39 2.71 -2.97 -7.27
CA ALA B 39 2.95 -1.52 -7.42
C ALA B 39 4.46 -1.21 -7.33
N ARG B 40 5.17 -1.84 -6.40
CA ARG B 40 6.62 -1.68 -6.25
C ARG B 40 7.36 -2.09 -7.54
N GLN B 41 7.00 -3.23 -8.11
CA GLN B 41 7.58 -3.65 -9.38
C GLN B 41 7.37 -2.62 -10.50
N GLN B 42 6.17 -2.06 -10.56
CA GLN B 42 5.85 -1.13 -11.63
C GLN B 42 6.54 0.20 -11.41
N LEU B 43 6.65 0.63 -10.15
CA LEU B 43 7.40 1.86 -9.87
C LEU B 43 8.85 1.75 -10.22
N LEU B 44 9.42 0.59 -9.92
CA LEU B 44 10.82 0.32 -10.29
C LEU B 44 11.01 0.35 -11.78
N ALA B 45 10.10 -0.24 -12.53
CA ALA B 45 10.16 -0.16 -14.01
C ALA B 45 9.90 1.26 -14.52
N LEU B 46 9.03 2.02 -13.88
CA LEU B 46 8.88 3.40 -14.27
C LEU B 46 10.19 4.18 -14.02
N ARG B 47 10.87 3.96 -12.91
CA ARG B 47 12.14 4.67 -12.65
C ARG B 47 13.21 4.34 -13.71
N GLU B 48 13.29 3.09 -14.16
CA GLU B 48 14.19 2.72 -15.28
C GLU B 48 13.81 3.28 -16.65
N GLU B 49 12.51 3.35 -16.93
CA GLU B 49 12.04 3.93 -18.18
C GLU B 49 12.33 5.42 -18.24
N VAL B 50 12.13 6.13 -17.13
CA VAL B 50 12.46 7.56 -17.02
C VAL B 50 13.97 7.77 -17.28
N ASP B 51 14.83 7.00 -16.60
CA ASP B 51 16.30 6.99 -16.82
C ASP B 51 16.65 6.92 -18.31
N ARG B 52 16.09 5.92 -18.99
CA ARG B 52 16.41 5.63 -20.39
C ARG B 52 16.26 6.87 -21.26
N LEU B 53 15.51 7.86 -20.77
CA LEU B 53 15.40 9.16 -21.45
C LEU B 53 15.40 10.31 -20.45
N SER C 11 16.42 19.58 -19.70
CA SER C 11 15.88 18.22 -19.91
C SER C 11 16.26 17.27 -18.78
N ALA C 12 17.54 17.22 -18.42
CA ALA C 12 17.99 16.50 -17.22
C ALA C 12 17.35 17.14 -15.98
N ARG C 13 17.00 18.41 -16.10
CA ARG C 13 16.16 19.16 -15.16
C ARG C 13 14.79 18.49 -15.02
N ASP C 14 14.18 18.14 -16.17
CA ASP C 14 12.90 17.42 -16.21
C ASP C 14 13.06 16.03 -15.60
N ILE C 15 14.12 15.33 -16.00
CA ILE C 15 14.40 13.98 -15.50
C ILE C 15 14.62 13.91 -13.98
N HIS C 16 15.42 14.83 -13.45
CA HIS C 16 15.63 14.90 -11.99
C HIS C 16 14.35 15.19 -11.26
N GLN C 17 13.48 16.03 -11.83
CA GLN C 17 12.17 16.23 -11.21
C GLN C 17 11.27 14.99 -11.28
N LEU C 18 11.27 14.30 -12.43
CA LEU C 18 10.52 13.04 -12.55
C LEU C 18 11.09 11.99 -11.58
N GLU C 19 12.41 11.85 -11.50
CA GLU C 19 13.03 10.87 -10.59
C GLU C 19 12.72 11.19 -9.11
N ALA C 20 12.73 12.47 -8.73
CA ALA C 20 12.44 12.85 -7.33
C ALA C 20 11.02 12.41 -6.95
N ARG C 21 10.08 12.59 -7.86
CA ARG C 21 8.71 12.16 -7.68
C ARG C 21 8.56 10.67 -7.61
N ILE C 22 9.26 9.95 -8.48
CA ILE C 22 9.13 8.48 -8.41
C ILE C 22 9.75 7.97 -7.11
N ASP C 23 10.86 8.58 -6.69
CA ASP C 23 11.55 8.11 -5.44
C ASP C 23 10.65 8.33 -4.27
N SER C 24 9.97 9.47 -4.26
CA SER C 24 9.00 9.75 -3.20
C SER C 24 7.86 8.72 -3.16
N LEU C 25 7.36 8.33 -4.31
CA LEU C 25 6.32 7.32 -4.40
C LEU C 25 6.89 5.97 -3.92
N ALA C 26 8.16 5.70 -4.23
CA ALA C 26 8.76 4.41 -3.80
C ALA C 26 8.89 4.41 -2.27
N ALA C 27 9.22 5.55 -1.67
CA ALA C 27 9.31 5.63 -0.19
C ALA C 27 7.95 5.40 0.47
N ARG C 28 6.89 5.97 -0.13
CA ARG C 28 5.55 5.74 0.43
C ARG C 28 5.17 4.27 0.24
N ASN C 29 5.47 3.68 -0.92
CA ASN C 29 5.28 2.24 -1.07
C ASN C 29 5.92 1.38 0.04
N SER C 30 7.17 1.66 0.39
CA SER C 30 7.84 0.98 1.51
C SER C 30 7.15 1.25 2.85
N LYS C 31 6.80 2.48 3.10
CA LYS C 31 6.04 2.79 4.31
C LYS C 31 4.71 1.97 4.42
N LEU C 32 3.98 1.91 3.33
CA LEU C 32 2.75 1.08 3.28
C LEU C 32 3.06 -0.39 3.55
N MET C 33 4.09 -0.93 2.88
CA MET C 33 4.39 -2.37 3.11
C MET C 33 4.80 -2.64 4.56
N GLU C 34 5.65 -1.78 5.16
CA GLU C 34 6.07 -2.05 6.58
C GLU C 34 4.85 -1.96 7.52
N THR C 35 4.02 -0.94 7.32
CA THR C 35 2.78 -0.81 8.11
C THR C 35 1.90 -2.01 7.93
N LEU C 36 1.74 -2.50 6.71
CA LEU C 36 0.91 -3.71 6.49
C LEU C 36 1.50 -4.95 7.16
N LYS C 37 2.82 -5.08 7.15
CA LYS C 37 3.47 -6.19 7.84
C LYS C 37 3.20 -6.20 9.36
N GLU C 38 3.26 -5.05 9.99
CA GLU C 38 2.85 -4.94 11.41
C GLU C 38 1.39 -5.33 11.63
N ALA C 39 0.47 -4.90 10.73
CA ALA C 39 -0.94 -5.25 10.85
C ALA C 39 -1.14 -6.76 10.75
N ARG C 40 -0.42 -7.43 9.83
CA ARG C 40 -0.51 -8.89 9.70
C ARG C 40 -0.13 -9.61 11.00
N GLN C 41 1.00 -9.20 11.60
CA GLN C 41 1.42 -9.71 12.90
C GLN C 41 0.35 -9.48 13.99
N GLN C 42 -0.24 -8.29 14.03
CA GLN C 42 -1.25 -8.00 15.06
C GLN C 42 -2.52 -8.79 14.85
N LEU C 43 -2.94 -8.95 13.58
CA LEU C 43 -4.10 -9.81 13.25
C LEU C 43 -3.90 -11.23 13.66
N LEU C 44 -2.68 -11.76 13.43
CA LEU C 44 -2.36 -13.13 13.87
C LEU C 44 -2.43 -13.29 15.37
N ALA C 45 -1.93 -12.30 16.10
CA ALA C 45 -2.00 -12.34 17.56
C ALA C 45 -3.46 -12.17 18.02
N LEU C 46 -4.23 -11.35 17.34
CA LEU C 46 -5.64 -11.23 17.67
C LEU C 46 -6.34 -12.58 17.49
N ARG C 47 -6.04 -13.28 16.42
CA ARG C 47 -6.68 -14.57 16.18
C ARG C 47 -6.27 -15.59 17.27
N GLU C 48 -5.03 -15.55 17.75
CA GLU C 48 -4.61 -16.44 18.85
C GLU C 48 -5.28 -16.07 20.19
N GLU C 49 -5.49 -14.78 20.43
CA GLU C 49 -6.11 -14.31 21.63
C GLU C 49 -7.57 -14.72 21.69
N VAL C 50 -8.30 -14.58 20.58
CA VAL C 50 -9.70 -15.01 20.46
C VAL C 50 -9.84 -16.51 20.78
N ASP C 51 -8.99 -17.34 20.20
CA ASP C 51 -8.97 -18.80 20.47
C ASP C 51 -8.77 -19.13 21.94
N ARG C 52 -7.82 -18.48 22.57
CA ARG C 52 -7.50 -18.77 23.92
C ARG C 52 -8.75 -18.51 24.72
N LEU C 53 -9.74 -17.88 24.13
CA LEU C 53 -10.99 -17.72 24.84
C LEU C 53 -12.14 -18.23 24.00
N SER D 11 9.18 11.25 -29.97
CA SER D 11 9.13 10.45 -28.72
C SER D 11 7.73 10.38 -28.10
N ALA D 12 6.69 10.59 -28.90
CA ALA D 12 5.31 10.38 -28.43
C ALA D 12 5.17 8.96 -27.88
N ARG D 13 5.91 8.03 -28.50
CA ARG D 13 6.12 6.65 -28.03
C ARG D 13 6.52 6.61 -26.56
N ASP D 14 7.55 7.36 -26.21
CA ASP D 14 8.07 7.42 -24.85
C ASP D 14 7.03 7.93 -23.84
N ILE D 15 6.32 9.00 -24.18
CA ILE D 15 5.33 9.60 -23.29
C ILE D 15 4.10 8.71 -23.06
N HIS D 16 3.57 8.07 -24.11
CA HIS D 16 2.44 7.14 -23.93
C HIS D 16 2.84 5.88 -23.18
N GLN D 17 4.10 5.44 -23.34
CA GLN D 17 4.60 4.34 -22.51
C GLN D 17 4.72 4.74 -21.03
N LEU D 18 5.24 5.94 -20.76
CA LEU D 18 5.26 6.43 -19.35
C LEU D 18 3.82 6.60 -18.83
N GLU D 19 2.94 7.18 -19.64
CA GLU D 19 1.52 7.36 -19.25
C GLU D 19 0.81 6.03 -18.91
N ALA D 20 1.00 4.99 -19.74
CA ALA D 20 0.38 3.68 -19.48
C ALA D 20 0.80 3.16 -18.12
N ARG D 21 2.06 3.33 -17.83
CA ARG D 21 2.62 2.91 -16.56
C ARG D 21 2.08 3.69 -15.37
N ILE D 22 1.99 4.99 -15.52
CA ILE D 22 1.45 5.78 -14.40
C ILE D 22 -0.03 5.38 -14.19
N ASP D 23 -0.75 5.17 -15.29
CA ASP D 23 -2.20 4.81 -15.24
C ASP D 23 -2.39 3.50 -14.52
N SER D 24 -1.52 2.55 -14.81
CA SER D 24 -1.51 1.29 -14.09
C SER D 24 -1.29 1.44 -12.58
N LEU D 25 -0.34 2.30 -12.21
CA LEU D 25 -0.04 2.56 -10.79
C LEU D 25 -1.25 3.21 -10.16
N ALA D 26 -1.90 4.12 -10.90
CA ALA D 26 -3.08 4.78 -10.34
C ALA D 26 -4.23 3.78 -10.13
N ALA D 27 -4.41 2.81 -11.03
CA ALA D 27 -5.45 1.78 -10.86
C ALA D 27 -5.19 0.89 -9.61
N ARG D 28 -3.92 0.57 -9.38
CA ARG D 28 -3.54 -0.23 -8.18
C ARG D 28 -3.73 0.61 -6.92
N ASN D 29 -3.37 1.90 -7.00
CA ASN D 29 -3.70 2.80 -5.88
C ASN D 29 -5.22 2.76 -5.52
N SER D 30 -6.11 2.85 -6.52
CA SER D 30 -7.55 2.79 -6.24
C SER D 30 -7.96 1.41 -5.69
N LYS D 31 -7.42 0.36 -6.24
CA LYS D 31 -7.69 -0.99 -5.71
C LYS D 31 -7.25 -1.07 -4.21
N LEU D 32 -6.08 -0.58 -3.88
CA LEU D 32 -5.63 -0.54 -2.47
C LEU D 32 -6.60 0.24 -1.59
N MET D 33 -6.98 1.46 -2.03
CA MET D 33 -7.90 2.26 -1.23
C MET D 33 -9.25 1.59 -1.02
N GLU D 34 -9.83 1.01 -2.08
CA GLU D 34 -11.15 0.34 -1.92
C GLU D 34 -11.03 -0.89 -0.95
N THR D 35 -9.95 -1.66 -1.09
CA THR D 35 -9.69 -2.77 -0.17
C THR D 35 -9.50 -2.30 1.26
N LEU D 36 -8.74 -1.23 1.47
CA LEU D 36 -8.63 -0.64 2.83
C LEU D 36 -9.93 -0.17 3.44
N LYS D 37 -10.79 0.45 2.64
CA LYS D 37 -12.11 0.89 3.10
C LYS D 37 -13.00 -0.25 3.59
N GLU D 38 -12.97 -1.37 2.89
CA GLU D 38 -13.67 -2.59 3.37
C GLU D 38 -13.06 -3.11 4.67
N ALA D 39 -11.73 -3.11 4.79
CA ALA D 39 -11.10 -3.52 6.02
C ALA D 39 -11.48 -2.63 7.19
N ARG D 40 -11.56 -1.31 6.99
CA ARG D 40 -12.01 -0.41 8.04
C ARG D 40 -13.41 -0.75 8.53
N GLN D 41 -14.33 -1.02 7.58
CA GLN D 41 -15.69 -1.41 7.92
C GLN D 41 -15.68 -2.72 8.77
N GLN D 42 -14.88 -3.69 8.35
CA GLN D 42 -14.85 -4.96 9.04
C GLN D 42 -14.25 -4.86 10.42
N LEU D 43 -13.18 -4.07 10.54
CA LEU D 43 -12.61 -3.80 11.88
C LEU D 43 -13.57 -3.13 12.84
N LEU D 44 -14.35 -2.15 12.35
CA LEU D 44 -15.35 -1.52 13.19
C LEU D 44 -16.43 -2.51 13.60
N ALA D 45 -16.87 -3.38 12.70
CA ALA D 45 -17.84 -4.44 13.08
C ALA D 45 -17.20 -5.43 14.07
N LEU D 46 -15.93 -5.75 13.90
CA LEU D 46 -15.26 -6.63 14.83
C LEU D 46 -15.24 -5.97 16.21
N ARG D 47 -15.01 -4.67 16.28
CA ARG D 47 -14.97 -4.02 17.59
C ARG D 47 -16.35 -4.00 18.27
N GLU D 48 -17.43 -3.89 17.50
CA GLU D 48 -18.76 -3.98 18.08
C GLU D 48 -19.10 -5.39 18.53
N GLU D 49 -18.67 -6.38 17.79
CA GLU D 49 -18.88 -7.78 18.12
C GLU D 49 -18.18 -8.19 19.41
N VAL D 50 -16.96 -7.71 19.63
CA VAL D 50 -16.21 -7.95 20.87
C VAL D 50 -16.90 -7.33 22.09
N ASP D 51 -17.55 -6.18 21.92
CA ASP D 51 -18.36 -5.58 22.99
C ASP D 51 -19.68 -6.30 23.29
N ARG D 52 -20.31 -6.85 22.26
CA ARG D 52 -21.50 -7.70 22.43
C ARG D 52 -21.09 -8.98 23.15
N LEU D 53 -19.83 -9.03 23.57
CA LEU D 53 -19.30 -10.19 24.28
C LEU D 53 -18.28 -9.77 25.33
N SER E 11 -5.24 -14.17 -27.92
CA SER E 11 -5.72 -12.78 -27.72
C SER E 11 -5.36 -12.20 -26.34
N ALA E 12 -4.16 -12.52 -25.84
CA ALA E 12 -3.66 -11.85 -24.63
C ALA E 12 -3.46 -10.36 -24.91
N ARG E 13 -3.27 -10.04 -26.20
CA ARG E 13 -3.22 -8.65 -26.67
C ARG E 13 -4.59 -7.98 -26.57
N ASP E 14 -5.66 -8.75 -26.72
CA ASP E 14 -7.02 -8.25 -26.51
C ASP E 14 -7.15 -7.83 -25.05
N ILE E 15 -6.79 -8.72 -24.12
CA ILE E 15 -6.87 -8.43 -22.70
C ILE E 15 -5.94 -7.31 -22.19
N HIS E 16 -4.71 -7.23 -22.68
CA HIS E 16 -3.80 -6.10 -22.36
C HIS E 16 -4.29 -4.79 -22.93
N GLN E 17 -4.97 -4.80 -24.07
CA GLN E 17 -5.61 -3.58 -24.58
C GLN E 17 -6.78 -3.16 -23.70
N LEU E 18 -7.60 -4.14 -23.30
CA LEU E 18 -8.74 -3.84 -22.41
C LEU E 18 -8.24 -3.34 -21.05
N GLU E 19 -7.23 -3.99 -20.49
CA GLU E 19 -6.64 -3.58 -19.21
C GLU E 19 -6.02 -2.17 -19.27
N ALA E 20 -5.31 -1.86 -20.36
CA ALA E 20 -4.74 -0.50 -20.51
C ALA E 20 -5.83 0.54 -20.50
N ARG E 21 -6.93 0.27 -21.18
CA ARG E 21 -8.04 1.21 -21.21
C ARG E 21 -8.75 1.35 -19.82
N ILE E 22 -8.91 0.22 -19.12
CA ILE E 22 -9.55 0.34 -17.79
C ILE E 22 -8.66 1.13 -16.83
N ASP E 23 -7.35 0.87 -16.89
CA ASP E 23 -6.38 1.59 -16.04
C ASP E 23 -6.42 3.07 -16.30
N SER E 24 -6.50 3.46 -17.56
CA SER E 24 -6.65 4.86 -17.88
C SER E 24 -7.94 5.48 -17.28
N LEU E 25 -9.04 4.76 -17.34
CA LEU E 25 -10.29 5.25 -16.74
C LEU E 25 -10.17 5.36 -15.21
N ALA E 26 -9.51 4.37 -14.59
CA ALA E 26 -9.26 4.44 -13.12
C ALA E 26 -8.39 5.66 -12.78
N ALA E 27 -7.42 6.00 -13.63
CA ALA E 27 -6.57 7.17 -13.35
C ALA E 27 -7.38 8.45 -13.45
N ARG E 28 -8.28 8.49 -14.45
CA ARG E 28 -9.17 9.66 -14.56
C ARG E 28 -10.12 9.73 -13.38
N ASN E 29 -10.66 8.57 -12.98
CA ASN E 29 -11.47 8.59 -11.76
C ASN E 29 -10.74 9.17 -10.55
N SER E 30 -9.47 8.81 -10.31
CA SER E 30 -8.72 9.37 -9.20
C SER E 30 -8.50 10.86 -9.38
N LYS E 31 -8.20 11.26 -10.60
CA LYS E 31 -8.09 12.68 -10.90
C LYS E 31 -9.37 13.47 -10.54
N LEU E 32 -10.52 12.95 -10.94
CA LEU E 32 -11.80 13.60 -10.58
C LEU E 32 -11.96 13.69 -9.07
N MET E 33 -11.68 12.57 -8.37
CA MET E 33 -11.87 12.61 -6.92
C MET E 33 -10.93 13.58 -6.23
N GLU E 34 -9.67 13.63 -6.63
CA GLU E 34 -8.75 14.59 -6.00
C GLU E 34 -9.22 16.06 -6.22
N THR E 35 -9.61 16.35 -7.46
CA THR E 35 -10.14 17.67 -7.82
C THR E 35 -11.41 18.00 -7.03
N LEU E 36 -12.33 17.02 -6.89
CA LEU E 36 -13.53 17.27 -6.09
C LEU E 36 -13.22 17.50 -4.62
N LYS E 37 -12.27 16.77 -4.06
CA LYS E 37 -11.83 17.02 -2.67
C LYS E 37 -11.33 18.44 -2.42
N GLU E 38 -10.55 18.97 -3.35
CA GLU E 38 -10.10 20.38 -3.29
C GLU E 38 -11.28 21.34 -3.40
N ALA E 39 -12.23 21.09 -4.29
CA ALA E 39 -13.42 21.94 -4.40
C ALA E 39 -14.25 21.93 -3.09
N ARG E 40 -14.40 20.78 -2.44
CA ARG E 40 -15.10 20.69 -1.15
C ARG E 40 -14.42 21.58 -0.09
N GLN E 41 -13.08 21.51 0.01
CA GLN E 41 -12.32 22.35 0.93
C GLN E 41 -12.57 23.85 0.63
N GLN E 42 -12.56 24.21 -0.66
CA GLN E 42 -12.74 25.61 -1.02
C GLN E 42 -14.14 26.10 -0.79
N LEU E 43 -15.13 25.26 -1.00
CA LEU E 43 -16.51 25.63 -0.70
C LEU E 43 -16.77 25.84 0.76
N LEU E 44 -16.18 24.96 1.59
CA LEU E 44 -16.23 25.15 3.03
C LEU E 44 -15.57 26.45 3.48
N ALA E 45 -14.45 26.80 2.89
CA ALA E 45 -13.80 28.06 3.21
C ALA E 45 -14.63 29.26 2.71
N LEU E 46 -15.27 29.14 1.57
CA LEU E 46 -16.16 30.16 1.10
C LEU E 46 -17.35 30.31 2.06
N ARG E 47 -17.89 29.22 2.56
CA ARG E 47 -19.02 29.35 3.48
C ARG E 47 -18.58 30.09 4.76
N GLU E 48 -17.36 29.82 5.25
CA GLU E 48 -16.82 30.57 6.42
C GLU E 48 -16.52 32.04 6.17
N GLU E 49 -16.06 32.36 4.96
CA GLU E 49 -15.74 33.71 4.58
C GLU E 49 -16.98 34.55 4.43
N VAL E 50 -18.03 34.01 3.80
CA VAL E 50 -19.32 34.69 3.75
C VAL E 50 -19.87 34.97 5.18
N ASP E 51 -19.69 34.04 6.10
CA ASP E 51 -20.15 34.24 7.49
C ASP E 51 -19.47 35.40 8.22
N ARG E 52 -18.15 35.52 8.05
CA ARG E 52 -17.40 36.64 8.61
C ARG E 52 -18.12 37.93 8.35
N LEU E 53 -18.58 38.12 7.11
CA LEU E 53 -19.37 39.31 6.73
C LEU E 53 -20.69 38.91 6.10
N SER F 11 29.33 -38.42 -10.65
CA SER F 11 29.05 -39.18 -9.39
C SER F 11 28.04 -38.42 -8.54
N ALA F 12 27.59 -39.06 -7.45
CA ALA F 12 26.76 -38.40 -6.46
C ALA F 12 27.56 -37.28 -5.81
N ARG F 13 28.88 -37.45 -5.80
CA ARG F 13 29.81 -36.47 -5.25
C ARG F 13 29.80 -35.17 -6.06
N ASP F 14 29.52 -35.26 -7.36
CA ASP F 14 29.39 -34.09 -8.22
C ASP F 14 28.15 -33.28 -7.82
N ILE F 15 27.01 -33.98 -7.74
CA ILE F 15 25.73 -33.34 -7.43
C ILE F 15 25.63 -32.83 -5.98
N HIS F 16 26.12 -33.60 -5.01
CA HIS F 16 26.16 -33.15 -3.60
C HIS F 16 27.07 -31.94 -3.39
N GLN F 17 28.18 -31.88 -4.14
CA GLN F 17 29.03 -30.69 -4.17
C GLN F 17 28.33 -29.45 -4.73
N LEU F 18 27.71 -29.60 -5.90
CA LEU F 18 26.93 -28.47 -6.49
C LEU F 18 25.80 -28.04 -5.57
N GLU F 19 25.06 -29.00 -5.01
CA GLU F 19 23.97 -28.71 -4.04
C GLU F 19 24.50 -27.95 -2.82
N ALA F 20 25.63 -28.38 -2.25
CA ALA F 20 26.17 -27.68 -1.08
C ALA F 20 26.49 -26.22 -1.41
N ARG F 21 26.98 -25.97 -2.61
CA ARG F 21 27.27 -24.61 -3.06
C ARG F 21 26.02 -23.77 -3.26
N ILE F 22 25.02 -24.38 -3.89
CA ILE F 22 23.76 -23.65 -4.08
C ILE F 22 23.16 -23.32 -2.72
N ASP F 23 23.22 -24.27 -1.78
CA ASP F 23 22.65 -24.06 -0.43
C ASP F 23 23.30 -22.90 0.27
N SER F 24 24.61 -22.82 0.16
CA SER F 24 25.37 -21.68 0.68
C SER F 24 24.91 -20.32 0.10
N LEU F 25 24.69 -20.27 -1.20
CA LEU F 25 24.27 -19.07 -1.90
C LEU F 25 22.86 -18.73 -1.44
N ALA F 26 22.02 -19.76 -1.27
CA ALA F 26 20.64 -19.49 -0.76
C ALA F 26 20.69 -18.91 0.65
N ALA F 27 21.58 -19.40 1.49
CA ALA F 27 21.69 -18.85 2.87
C ALA F 27 22.17 -17.40 2.84
N ARG F 28 23.12 -17.08 1.93
CA ARG F 28 23.58 -15.69 1.81
C ARG F 28 22.45 -14.82 1.27
N ASN F 29 21.71 -15.35 0.29
CA ASN F 29 20.51 -14.62 -0.14
C ASN F 29 19.56 -14.27 1.02
N SER F 30 19.23 -15.22 1.91
CA SER F 30 18.39 -14.92 3.07
C SER F 30 19.02 -13.89 4.00
N LYS F 31 20.32 -14.04 4.25
CA LYS F 31 21.04 -13.04 5.03
C LYS F 31 20.89 -11.61 4.45
N LEU F 32 21.13 -11.46 3.12
CA LEU F 32 20.90 -10.17 2.44
C LEU F 32 19.51 -9.65 2.64
N MET F 33 18.51 -10.52 2.41
CA MET F 33 17.13 -10.07 2.54
C MET F 33 16.80 -9.61 3.98
N GLU F 34 17.22 -10.38 4.99
CA GLU F 34 16.88 -9.98 6.36
C GLU F 34 17.58 -8.63 6.70
N THR F 35 18.84 -8.48 6.31
CA THR F 35 19.57 -7.19 6.48
C THR F 35 18.87 -6.04 5.77
N LEU F 36 18.40 -6.27 4.53
CA LEU F 36 17.68 -5.21 3.81
C LEU F 36 16.36 -4.85 4.44
N LYS F 37 15.63 -5.83 4.95
CA LYS F 37 14.40 -5.55 5.70
C LYS F 37 14.65 -4.66 6.95
N GLU F 38 15.72 -4.89 7.69
CA GLU F 38 16.07 -4.01 8.83
C GLU F 38 16.45 -2.60 8.36
N ALA F 39 17.16 -2.48 7.24
CA ALA F 39 17.50 -1.17 6.66
C ALA F 39 16.25 -0.39 6.21
N ARG F 40 15.27 -1.04 5.61
CA ARG F 40 13.99 -0.42 5.28
C ARG F 40 13.30 0.17 6.52
N GLN F 41 13.23 -0.64 7.59
CA GLN F 41 12.63 -0.17 8.83
C GLN F 41 13.39 1.09 9.37
N GLN F 42 14.73 1.05 9.35
CA GLN F 42 15.49 2.17 9.89
C GLN F 42 15.38 3.42 9.00
N LEU F 43 15.33 3.25 7.67
CA LEU F 43 15.10 4.41 6.80
C LEU F 43 13.73 5.03 6.95
N LEU F 44 12.70 4.20 7.14
CA LEU F 44 11.38 4.72 7.48
C LEU F 44 11.36 5.46 8.81
N ALA F 45 12.07 4.99 9.82
CA ALA F 45 12.18 5.76 11.08
C ALA F 45 12.99 7.05 10.91
N LEU F 46 14.03 7.02 10.09
CA LEU F 46 14.78 8.21 9.81
C LEU F 46 13.86 9.21 9.11
N ARG F 47 13.04 8.77 8.20
CA ARG F 47 12.19 9.73 7.50
C ARG F 47 11.18 10.35 8.47
N GLU F 48 10.68 9.58 9.43
CA GLU F 48 9.81 10.17 10.46
C GLU F 48 10.54 11.13 11.42
N GLU F 49 11.77 10.80 11.79
CA GLU F 49 12.57 11.63 12.70
C GLU F 49 12.87 12.97 12.08
N VAL F 50 13.20 12.98 10.79
CA VAL F 50 13.43 14.24 10.06
C VAL F 50 12.18 15.13 10.07
N ASP F 51 11.01 14.54 9.78
CA ASP F 51 9.73 15.28 9.78
C ASP F 51 9.32 15.89 11.10
N ARG F 52 9.66 15.23 12.21
CA ARG F 52 9.37 15.83 13.51
C ARG F 52 10.29 17.04 13.74
N LEU F 53 11.12 17.35 12.75
CA LEU F 53 12.03 18.49 12.85
C LEU F 53 12.37 19.04 11.47
#